data_9PFM
#
_entry.id   9PFM
#
_cell.length_a   82.710
_cell.length_b   82.710
_cell.length_c   161.880
_cell.angle_alpha   90.00
_cell.angle_beta   90.00
_cell.angle_gamma   120.00
#
_symmetry.space_group_name_H-M   'P 61 2 2'
#
loop_
_entity.id
_entity.type
_entity.pdbx_description
1 polymer '15-hydroxyprostaglandin dehydrogenase [NAD(+)]'
2 non-polymer NICOTINAMIDE-ADENINE-DINUCLEOTIDE
3 non-polymer 2-[butyl(oxidanyl)-$l^{3}-sulfanyl]-4-(2,3-dimethylimidazol-4-yl)-6-(1,3-thiazol-2-yl)thieno[2,3-b]pyridin-3-amine
4 non-polymer 1,2-ETHANEDIOL
5 water water
#
_entity_poly.entity_id   1
_entity_poly.type   'polypeptide(L)'
_entity_poly.pdbx_seq_one_letter_code
;SHVNGKVALVTGAAQGIGRAFAEALLLKGAKVALVDWNLEAGVQCKAALDEQFEPQKTLFIQCDVADQQQLRDTFRKVVD
HFGRLDILVNNAGVNNEKNWEKTLQINLVSVISGTYLGLDYMSKQNGGEGGIIINMSSLAGLMPVAQQPVYCASKHGIVG
FTRSAALAANLMNSGVRLNAICPGFVNTAILESIEKEENMGQYIEYKDHIKDMIKYYGILDPPLIANGLITLIEDDALNG
AIMKITTSKGIHFQDYDTT
;
_entity_poly.pdbx_strand_id   A
#
# COMPACT_ATOMS: atom_id res chain seq x y z
N SER A 1 19.85 0.09 -9.09
CA SER A 1 20.63 0.19 -7.81
C SER A 1 19.78 0.84 -6.73
N HIS A 2 18.63 1.40 -7.11
CA HIS A 2 17.70 1.92 -6.12
C HIS A 2 16.92 0.78 -5.45
N VAL A 3 16.88 -0.40 -6.08
CA VAL A 3 16.11 -1.49 -5.52
C VAL A 3 17.03 -2.66 -5.18
N ASN A 4 18.10 -2.81 -5.98
CA ASN A 4 18.90 -4.02 -5.95
C ASN A 4 19.58 -4.15 -4.58
N GLY A 5 19.38 -5.29 -3.92
CA GLY A 5 19.96 -5.50 -2.60
C GLY A 5 19.16 -4.85 -1.47
N LYS A 6 18.10 -4.06 -1.76
CA LYS A 6 17.33 -3.42 -0.70
C LYS A 6 16.39 -4.42 -0.06
N VAL A 7 15.93 -4.10 1.16
CA VAL A 7 14.93 -4.90 1.82
C VAL A 7 13.58 -4.16 1.83
N ALA A 8 12.53 -4.82 1.31
CA ALA A 8 11.20 -4.23 1.28
C ALA A 8 10.29 -4.99 2.23
N LEU A 9 9.40 -4.27 2.94
CA LEU A 9 8.29 -4.94 3.60
C LEU A 9 6.97 -4.54 2.91
N VAL A 10 6.19 -5.52 2.43
CA VAL A 10 4.94 -5.20 1.74
C VAL A 10 3.76 -5.78 2.51
N THR A 11 2.83 -4.95 3.00
CA THR A 11 1.65 -5.50 3.65
C THR A 11 0.58 -5.79 2.58
N GLY A 12 -0.28 -6.76 2.89
CA GLY A 12 -1.28 -7.21 1.93
C GLY A 12 -0.64 -7.98 0.76
N ALA A 13 0.54 -8.58 0.99
CA ALA A 13 1.34 -9.17 -0.07
C ALA A 13 0.84 -10.55 -0.54
N ALA A 14 -0.19 -11.13 0.09
CA ALA A 14 -0.52 -12.51 -0.29
C ALA A 14 -1.12 -12.61 -1.70
N GLN A 15 -1.77 -11.54 -2.19
CA GLN A 15 -2.47 -11.62 -3.46
C GLN A 15 -2.65 -10.21 -4.01
N GLY A 16 -3.35 -10.10 -5.13
CA GLY A 16 -3.75 -8.83 -5.72
C GLY A 16 -2.55 -7.93 -5.97
N ILE A 17 -2.72 -6.65 -5.66
CA ILE A 17 -1.69 -5.66 -5.97
C ILE A 17 -0.44 -5.94 -5.13
N GLY A 18 -0.64 -6.33 -3.87
CA GLY A 18 0.51 -6.60 -2.98
C GLY A 18 1.45 -7.63 -3.58
N ARG A 19 0.91 -8.76 -4.04
CA ARG A 19 1.74 -9.81 -4.67
C ARG A 19 2.45 -9.21 -5.89
N ALA A 20 1.72 -8.51 -6.76
CA ALA A 20 2.33 -7.86 -7.92
C ALA A 20 3.53 -6.98 -7.56
N PHE A 21 3.39 -6.17 -6.51
CA PHE A 21 4.52 -5.40 -6.01
C PHE A 21 5.67 -6.34 -5.63
N ALA A 22 5.38 -7.41 -4.87
CA ALA A 22 6.45 -8.31 -4.44
C ALA A 22 7.18 -8.89 -5.65
N GLU A 23 6.44 -9.27 -6.70
CA GLU A 23 7.09 -9.90 -7.85
C GLU A 23 8.01 -8.89 -8.55
N ALA A 24 7.49 -7.67 -8.73
CA ALA A 24 8.27 -6.63 -9.39
C ALA A 24 9.51 -6.32 -8.58
N LEU A 25 9.37 -6.26 -7.24
CA LEU A 25 10.54 -5.90 -6.44
C LEU A 25 11.58 -7.03 -6.46
N LEU A 26 11.11 -8.29 -6.42
CA LEU A 26 12.04 -9.43 -6.49
C LEU A 26 12.79 -9.43 -7.82
N LEU A 27 12.08 -9.11 -8.90
CA LEU A 27 12.74 -9.05 -10.20
C LEU A 27 13.81 -7.94 -10.22
N LYS A 28 13.59 -6.87 -9.44
CA LYS A 28 14.59 -5.80 -9.41
C LYS A 28 15.68 -6.06 -8.37
N GLY A 29 15.68 -7.23 -7.73
CA GLY A 29 16.82 -7.53 -6.87
C GLY A 29 16.59 -7.29 -5.39
N ALA A 30 15.35 -6.97 -4.97
CA ALA A 30 15.08 -6.74 -3.56
C ALA A 30 14.87 -8.07 -2.84
N LYS A 31 14.96 -7.98 -1.51
CA LYS A 31 14.51 -9.08 -0.64
C LYS A 31 13.15 -8.54 -0.16
N VAL A 32 12.14 -9.38 -0.04
CA VAL A 32 10.80 -8.92 0.28
C VAL A 32 10.27 -9.71 1.47
N ALA A 33 9.84 -8.99 2.52
CA ALA A 33 9.00 -9.63 3.52
C ALA A 33 7.53 -9.45 3.13
N LEU A 34 6.82 -10.58 2.96
CA LEU A 34 5.43 -10.60 2.58
C LEU A 34 4.63 -10.67 3.88
N VAL A 35 3.74 -9.69 4.09
CA VAL A 35 3.04 -9.59 5.34
C VAL A 35 1.56 -9.56 5.04
N ASP A 36 0.83 -10.50 5.63
CA ASP A 36 -0.60 -10.59 5.35
C ASP A 36 -1.29 -11.33 6.50
N TRP A 37 -2.58 -11.06 6.72
CA TRP A 37 -3.27 -11.77 7.80
C TRP A 37 -3.83 -13.11 7.33
N ASN A 38 -3.78 -13.37 6.01
CA ASN A 38 -4.34 -14.60 5.48
C ASN A 38 -3.21 -15.63 5.35
N LEU A 39 -3.13 -16.55 6.33
CA LEU A 39 -2.01 -17.50 6.42
C LEU A 39 -1.98 -18.42 5.21
N GLU A 40 -3.16 -18.92 4.81
CA GLU A 40 -3.22 -19.86 3.70
C GLU A 40 -2.85 -19.20 2.38
N ALA A 41 -3.38 -17.99 2.11
CA ALA A 41 -2.97 -17.26 0.91
C ALA A 41 -1.48 -16.98 0.95
N GLY A 42 -1.00 -16.65 2.15
CA GLY A 42 0.39 -16.26 2.28
C GLY A 42 1.31 -17.43 1.91
N VAL A 43 0.98 -18.62 2.41
CA VAL A 43 1.85 -19.79 2.20
C VAL A 43 1.84 -20.14 0.71
N GLN A 44 0.67 -20.07 0.09
CA GLN A 44 0.53 -20.31 -1.34
C GLN A 44 1.39 -19.32 -2.12
N CYS A 45 1.32 -18.04 -1.74
CA CYS A 45 2.07 -17.02 -2.44
C CYS A 45 3.58 -17.26 -2.32
N LYS A 46 4.09 -17.50 -1.10
CA LYS A 46 5.52 -17.69 -0.92
C LYS A 46 5.95 -18.96 -1.65
N ALA A 47 5.13 -20.00 -1.60
CA ALA A 47 5.56 -21.24 -2.23
C ALA A 47 5.73 -21.02 -3.74
N ALA A 48 4.83 -20.24 -4.36
CA ALA A 48 4.91 -19.93 -5.78
C ALA A 48 6.13 -19.07 -6.08
N LEU A 49 6.38 -18.07 -5.25
CA LEU A 49 7.54 -17.21 -5.48
C LEU A 49 8.83 -18.01 -5.32
N ASP A 50 8.82 -19.01 -4.41
CA ASP A 50 10.00 -19.82 -4.14
C ASP A 50 10.38 -20.63 -5.37
N GLU A 51 9.40 -20.96 -6.20
CA GLU A 51 9.65 -21.64 -7.48
C GLU A 51 10.33 -20.70 -8.49
N GLN A 52 9.91 -19.44 -8.56
CA GLN A 52 10.44 -18.49 -9.52
C GLN A 52 11.77 -17.93 -9.04
N PHE A 53 11.77 -17.27 -7.88
CA PHE A 53 12.94 -16.61 -7.33
C PHE A 53 13.57 -17.46 -6.22
N GLU A 54 14.67 -17.00 -5.62
CA GLU A 54 15.34 -17.74 -4.56
C GLU A 54 14.52 -17.72 -3.27
N PRO A 55 14.23 -18.87 -2.61
CA PRO A 55 13.56 -18.89 -1.31
C PRO A 55 14.10 -17.92 -0.25
N GLN A 56 15.41 -17.72 -0.21
CA GLN A 56 15.96 -16.86 0.82
C GLN A 56 15.69 -15.38 0.51
N LYS A 57 15.14 -15.06 -0.67
CA LYS A 57 14.87 -13.65 -0.94
C LYS A 57 13.51 -13.22 -0.38
N THR A 58 12.68 -14.14 0.15
CA THR A 58 11.37 -13.80 0.69
C THR A 58 11.16 -14.39 2.08
N LEU A 59 10.37 -13.69 2.88
CA LEU A 59 9.93 -14.17 4.18
C LEU A 59 8.43 -13.90 4.23
N PHE A 60 7.67 -14.85 4.72
CA PHE A 60 6.24 -14.63 4.92
C PHE A 60 5.99 -14.51 6.42
N ILE A 61 5.33 -13.41 6.85
CA ILE A 61 4.89 -13.23 8.22
C ILE A 61 3.37 -13.00 8.22
N GLN A 62 2.64 -13.81 9.00
CA GLN A 62 1.23 -13.57 9.20
C GLN A 62 1.03 -12.49 10.25
N CYS A 63 0.24 -11.44 9.94
CA CYS A 63 0.14 -10.27 10.81
C CYS A 63 -1.14 -9.54 10.43
N ASP A 64 -1.95 -9.25 11.45
CA ASP A 64 -3.07 -8.34 11.27
C ASP A 64 -2.53 -6.92 11.50
N VAL A 65 -2.46 -6.12 10.42
CA VAL A 65 -1.79 -4.82 10.51
C VAL A 65 -2.50 -3.87 11.47
N ALA A 66 -3.79 -4.11 11.77
CA ALA A 66 -4.59 -3.30 12.68
C ALA A 66 -4.30 -3.63 14.16
N ASP A 67 -3.54 -4.69 14.41
CA ASP A 67 -3.11 -5.02 15.76
C ASP A 67 -1.72 -4.43 15.99
N GLN A 68 -1.63 -3.40 16.84
CA GLN A 68 -0.40 -2.61 16.96
CA GLN A 68 -0.38 -2.63 16.89
C GLN A 68 0.78 -3.48 17.42
N GLN A 69 0.49 -4.44 18.32
CA GLN A 69 1.52 -5.32 18.86
C GLN A 69 2.03 -6.29 17.78
N GLN A 70 1.10 -6.90 17.02
CA GLN A 70 1.49 -7.79 15.93
C GLN A 70 2.32 -7.01 14.91
N LEU A 71 1.87 -5.79 14.56
CA LEU A 71 2.62 -4.98 13.59
C LEU A 71 4.01 -4.68 14.13
N ARG A 72 4.11 -4.30 15.41
CA ARG A 72 5.45 -3.97 15.92
C ARG A 72 6.34 -5.21 15.90
N ASP A 73 5.77 -6.38 16.26
CA ASP A 73 6.53 -7.63 16.25
C ASP A 73 6.96 -8.01 14.81
N THR A 74 6.06 -7.74 13.85
CA THR A 74 6.38 -8.04 12.44
C THR A 74 7.59 -7.24 12.02
N PHE A 75 7.56 -5.93 12.26
CA PHE A 75 8.67 -5.09 11.88
C PHE A 75 9.97 -5.65 12.51
N ARG A 76 9.93 -6.01 13.79
CA ARG A 76 11.15 -6.42 14.49
C ARG A 76 11.70 -7.67 13.82
N LYS A 77 10.78 -8.57 13.48
CA LYS A 77 11.16 -9.82 12.85
C LYS A 77 11.84 -9.53 11.51
N VAL A 78 11.22 -8.69 10.68
CA VAL A 78 11.79 -8.41 9.36
C VAL A 78 13.21 -7.89 9.51
N VAL A 79 13.40 -6.96 10.46
CA VAL A 79 14.70 -6.32 10.58
C VAL A 79 15.72 -7.29 11.17
N ASP A 80 15.27 -8.19 12.07
CA ASP A 80 16.13 -9.22 12.63
C ASP A 80 16.59 -10.17 11.53
N HIS A 81 15.64 -10.56 10.68
CA HIS A 81 15.89 -11.59 9.69
C HIS A 81 16.78 -11.04 8.57
N PHE A 82 16.49 -9.83 8.09
CA PHE A 82 17.18 -9.34 6.89
C PHE A 82 18.21 -8.30 7.29
N GLY A 83 18.13 -7.81 8.53
CA GLY A 83 19.16 -6.94 9.08
C GLY A 83 18.99 -5.46 8.74
N ARG A 84 17.93 -5.09 8.00
CA ARG A 84 17.66 -3.68 7.75
C ARG A 84 16.30 -3.52 7.05
N LEU A 85 15.81 -2.28 6.98
CA LEU A 85 14.58 -1.99 6.25
C LEU A 85 14.83 -0.79 5.34
N ASP A 86 14.51 -0.94 4.05
CA ASP A 86 14.77 0.10 3.08
C ASP A 86 13.51 0.62 2.41
N ILE A 87 12.51 -0.24 2.23
CA ILE A 87 11.33 0.10 1.45
C ILE A 87 10.14 -0.46 2.20
N LEU A 88 9.14 0.41 2.50
CA LEU A 88 7.92 -0.01 3.17
C LEU A 88 6.76 0.31 2.24
N VAL A 89 5.92 -0.69 1.99
CA VAL A 89 4.70 -0.49 1.21
C VAL A 89 3.49 -0.86 2.06
N ASN A 90 2.76 0.18 2.53
CA ASN A 90 1.54 -0.02 3.31
C ASN A 90 0.38 -0.25 2.33
N ASN A 91 0.08 -1.51 2.03
CA ASN A 91 -0.79 -1.84 0.89
C ASN A 91 -2.07 -2.54 1.34
N ALA A 92 -2.05 -3.24 2.50
CA ALA A 92 -3.23 -3.96 2.98
C ALA A 92 -4.43 -3.02 3.03
N GLY A 93 -5.62 -3.50 2.66
CA GLY A 93 -6.81 -2.69 2.81
C GLY A 93 -8.03 -3.58 2.62
N VAL A 94 -9.21 -3.05 3.00
CA VAL A 94 -10.47 -3.76 2.84
C VAL A 94 -11.52 -2.78 2.31
N ASN A 95 -12.61 -3.36 1.81
CA ASN A 95 -13.80 -2.59 1.49
C ASN A 95 -14.93 -3.15 2.33
N ASN A 96 -15.44 -2.36 3.27
CA ASN A 96 -16.55 -2.81 4.09
C ASN A 96 -17.21 -1.59 4.71
N GLU A 97 -18.35 -1.20 4.11
CA GLU A 97 -19.13 -0.07 4.58
C GLU A 97 -20.07 -0.48 5.72
N LYS A 98 -20.22 -1.79 5.98
CA LYS A 98 -21.11 -2.23 7.04
C LYS A 98 -20.37 -2.21 8.36
N ASN A 99 -19.22 -2.86 8.42
CA ASN A 99 -18.41 -2.71 9.60
C ASN A 99 -17.38 -1.61 9.32
N TRP A 100 -17.83 -0.35 9.21
CA TRP A 100 -17.01 0.70 8.60
C TRP A 100 -15.91 1.14 9.56
N GLU A 101 -16.13 0.92 10.87
CA GLU A 101 -15.14 1.26 11.88
CA GLU A 101 -15.12 1.29 11.84
C GLU A 101 -13.87 0.43 11.68
N LYS A 102 -14.08 -0.86 11.39
CA LYS A 102 -12.95 -1.74 11.14
C LYS A 102 -12.20 -1.34 9.85
N THR A 103 -12.97 -0.94 8.82
CA THR A 103 -12.40 -0.47 7.57
C THR A 103 -11.45 0.69 7.83
N LEU A 104 -11.86 1.65 8.70
CA LEU A 104 -10.97 2.77 9.07
C LEU A 104 -9.74 2.26 9.80
N GLN A 105 -9.92 1.28 10.71
CA GLN A 105 -8.77 0.75 11.44
C GLN A 105 -7.77 0.13 10.47
N ILE A 106 -8.23 -0.64 9.47
CA ILE A 106 -7.29 -1.31 8.60
C ILE A 106 -6.69 -0.33 7.61
N ASN A 107 -7.57 0.46 6.99
CA ASN A 107 -7.17 1.22 5.82
C ASN A 107 -6.37 2.44 6.23
N LEU A 108 -6.75 3.08 7.33
CA LEU A 108 -6.15 4.37 7.69
C LEU A 108 -5.24 4.23 8.92
N VAL A 109 -5.79 3.75 10.05
CA VAL A 109 -5.01 3.67 11.27
C VAL A 109 -3.75 2.84 11.03
N SER A 110 -3.88 1.72 10.30
CA SER A 110 -2.72 0.85 10.14
C SER A 110 -1.68 1.44 9.20
N VAL A 111 -2.08 2.29 8.24
CA VAL A 111 -1.11 2.95 7.37
C VAL A 111 -0.30 3.93 8.23
N ILE A 112 -0.97 4.63 9.14
CA ILE A 112 -0.23 5.57 9.98
C ILE A 112 0.70 4.80 10.93
N SER A 113 0.18 3.78 11.61
CA SER A 113 1.00 2.99 12.53
C SER A 113 2.23 2.46 11.79
N GLY A 114 1.98 1.83 10.62
CA GLY A 114 3.09 1.27 9.86
C GLY A 114 4.12 2.31 9.45
N THR A 115 3.62 3.46 8.97
CA THR A 115 4.50 4.55 8.57
C THR A 115 5.41 4.91 9.74
N TYR A 116 4.83 5.12 10.92
CA TYR A 116 5.64 5.58 12.06
C TYR A 116 6.63 4.47 12.49
N LEU A 117 6.20 3.20 12.45
CA LEU A 117 7.19 2.12 12.64
C LEU A 117 8.31 2.20 11.60
N GLY A 118 7.96 2.37 10.31
CA GLY A 118 8.99 2.48 9.30
C GLY A 118 9.98 3.60 9.65
N LEU A 119 9.46 4.72 10.12
CA LEU A 119 10.31 5.89 10.42
C LEU A 119 11.20 5.56 11.62
N ASP A 120 10.67 4.81 12.59
CA ASP A 120 11.45 4.33 13.72
C ASP A 120 12.70 3.61 13.24
N TYR A 121 12.57 2.76 12.21
CA TYR A 121 13.67 1.91 11.78
C TYR A 121 14.51 2.62 10.74
N MET A 122 13.91 3.45 9.89
CA MET A 122 14.62 3.91 8.71
C MET A 122 15.22 5.31 8.87
N SER A 123 14.67 6.11 9.78
CA SER A 123 15.08 7.51 9.86
C SER A 123 16.56 7.61 10.25
N LYS A 124 17.33 8.47 9.57
CA LYS A 124 18.72 8.73 9.93
C LYS A 124 18.85 9.25 11.36
N GLN A 125 17.82 9.93 11.87
CA GLN A 125 17.79 10.44 13.23
C GLN A 125 17.63 9.34 14.27
N ASN A 126 17.33 8.10 13.83
CA ASN A 126 17.14 6.97 14.71
C ASN A 126 18.17 5.87 14.42
N GLY A 127 19.22 6.22 13.68
CA GLY A 127 20.31 5.29 13.41
C GLY A 127 20.13 4.53 12.10
N GLY A 128 19.18 4.96 11.26
CA GLY A 128 18.88 4.24 10.03
C GLY A 128 19.62 4.88 8.86
N GLU A 129 19.41 4.34 7.66
CA GLU A 129 20.07 4.80 6.44
C GLU A 129 19.12 5.60 5.54
N GLY A 130 17.88 5.83 5.99
CA GLY A 130 16.92 6.45 5.10
C GLY A 130 16.15 5.39 4.33
N GLY A 131 15.31 5.81 3.37
CA GLY A 131 14.40 4.86 2.77
C GLY A 131 13.22 5.49 2.05
N ILE A 132 12.26 4.64 1.72
CA ILE A 132 11.04 5.10 1.07
C ILE A 132 9.85 4.37 1.67
N ILE A 133 8.77 5.12 1.93
CA ILE A 133 7.52 4.53 2.35
C ILE A 133 6.49 4.88 1.30
N ILE A 134 5.74 3.87 0.84
CA ILE A 134 4.70 4.10 -0.14
C ILE A 134 3.39 3.62 0.46
N ASN A 135 2.41 4.53 0.49
CA ASN A 135 1.13 4.21 1.09
C ASN A 135 0.16 4.02 -0.05
N MET A 136 -0.68 2.99 0.03
CA MET A 136 -1.68 2.80 -1.03
C MET A 136 -2.95 3.56 -0.67
N SER A 137 -3.28 4.54 -1.51
CA SER A 137 -4.59 5.16 -1.41
C SER A 137 -5.44 4.57 -2.54
N SER A 138 -6.12 5.42 -3.30
CA SER A 138 -7.10 5.01 -4.32
C SER A 138 -7.49 6.29 -5.05
N LEU A 139 -8.06 6.17 -6.24
CA LEU A 139 -8.75 7.33 -6.77
C LEU A 139 -9.87 7.76 -5.82
N ALA A 140 -10.36 6.82 -5.01
CA ALA A 140 -11.35 7.20 -4.00
C ALA A 140 -10.74 8.09 -2.90
N GLY A 141 -9.41 8.26 -2.88
CA GLY A 141 -8.69 9.19 -2.00
C GLY A 141 -8.74 10.63 -2.52
N LEU A 142 -9.26 10.84 -3.74
CA LEU A 142 -9.24 12.15 -4.38
C LEU A 142 -10.64 12.54 -4.82
N MET A 143 -11.50 11.53 -4.97
CA MET A 143 -12.80 11.81 -5.53
C MET A 143 -13.83 11.09 -4.67
N PRO A 144 -15.09 11.57 -4.61
CA PRO A 144 -16.13 10.95 -3.78
C PRO A 144 -16.72 9.69 -4.38
N VAL A 145 -17.24 8.78 -3.53
CA VAL A 145 -17.93 7.61 -4.01
C VAL A 145 -19.19 7.39 -3.19
N ALA A 146 -20.35 7.57 -3.82
CA ALA A 146 -21.62 7.53 -3.10
C ALA A 146 -21.82 6.21 -2.37
N GLN A 147 -21.33 5.11 -2.96
CA GLN A 147 -21.60 3.81 -2.38
C GLN A 147 -20.51 3.39 -1.40
N GLN A 148 -19.45 4.21 -1.22
CA GLN A 148 -18.33 3.81 -0.38
C GLN A 148 -17.82 5.02 0.40
N PRO A 149 -18.68 5.74 1.17
CA PRO A 149 -18.24 6.94 1.85
C PRO A 149 -17.12 6.72 2.88
N VAL A 150 -17.15 5.57 3.56
CA VAL A 150 -16.12 5.40 4.59
C VAL A 150 -14.80 4.90 3.96
N TYR A 151 -14.92 4.12 2.89
CA TYR A 151 -13.70 3.76 2.16
C TYR A 151 -13.05 5.05 1.66
N CYS A 152 -13.88 5.91 1.09
CA CYS A 152 -13.45 7.21 0.60
CA CYS A 152 -13.41 7.20 0.60
C CYS A 152 -12.78 8.01 1.71
N ALA A 153 -13.44 8.06 2.89
CA ALA A 153 -12.85 8.76 4.02
C ALA A 153 -11.44 8.21 4.31
N SER A 154 -11.30 6.90 4.34
CA SER A 154 -10.05 6.29 4.73
C SER A 154 -8.97 6.61 3.70
N LYS A 155 -9.34 6.62 2.40
CA LYS A 155 -8.34 6.82 1.34
C LYS A 155 -7.97 8.29 1.21
N HIS A 156 -8.92 9.19 1.49
CA HIS A 156 -8.59 10.62 1.61
C HIS A 156 -7.62 10.85 2.78
N GLY A 157 -7.90 10.23 3.94
CA GLY A 157 -7.01 10.37 5.08
C GLY A 157 -5.57 9.97 4.75
N ILE A 158 -5.39 8.87 4.00
CA ILE A 158 -4.05 8.45 3.55
C ILE A 158 -3.36 9.57 2.77
N VAL A 159 -4.08 10.20 1.83
CA VAL A 159 -3.48 11.31 1.08
C VAL A 159 -3.01 12.45 2.00
N GLY A 160 -3.90 12.97 2.88
CA GLY A 160 -3.53 14.03 3.79
C GLY A 160 -2.33 13.64 4.67
N PHE A 161 -2.42 12.41 5.23
CA PHE A 161 -1.34 11.94 6.08
C PHE A 161 -0.02 11.90 5.30
N THR A 162 -0.04 11.36 4.07
CA THR A 162 1.22 11.09 3.39
C THR A 162 1.87 12.42 2.95
N ARG A 163 1.07 13.38 2.45
CA ARG A 163 1.60 14.66 2.04
C ARG A 163 2.23 15.36 3.24
N SER A 164 1.57 15.27 4.41
CA SER A 164 2.02 15.91 5.63
C SER A 164 3.29 15.26 6.14
N ALA A 165 3.32 13.91 6.16
CA ALA A 165 4.48 13.20 6.71
C ALA A 165 5.70 13.41 5.81
N ALA A 166 5.48 13.61 4.52
CA ALA A 166 6.58 13.92 3.61
C ALA A 166 7.23 15.27 3.95
N LEU A 167 6.43 16.30 4.24
CA LEU A 167 6.98 17.59 4.65
C LEU A 167 7.67 17.42 6.00
N ALA A 168 7.09 16.67 6.93
CA ALA A 168 7.76 16.47 8.20
C ALA A 168 9.13 15.80 8.02
N ALA A 169 9.25 14.90 7.04
CA ALA A 169 10.49 14.15 6.88
C ALA A 169 11.60 15.10 6.43
N ASN A 170 11.27 16.01 5.51
CA ASN A 170 12.24 17.01 5.05
CA ASN A 170 12.20 17.05 5.06
C ASN A 170 12.71 17.81 6.28
N LEU A 171 11.77 18.29 7.09
CA LEU A 171 12.10 19.07 8.27
C LEU A 171 12.97 18.29 9.24
N MET A 172 12.68 16.99 9.42
CA MET A 172 13.38 16.20 10.41
C MET A 172 14.69 15.64 9.85
N ASN A 173 15.06 15.98 8.60
CA ASN A 173 16.12 15.34 7.82
C ASN A 173 16.22 13.84 8.12
N SER A 174 15.14 13.10 7.82
CA SER A 174 15.13 11.70 8.21
C SER A 174 15.72 10.89 7.07
N GLY A 175 15.83 11.51 5.87
CA GLY A 175 16.20 10.83 4.64
C GLY A 175 15.18 9.77 4.23
N VAL A 176 13.92 9.91 4.66
CA VAL A 176 12.89 8.98 4.17
C VAL A 176 11.94 9.79 3.29
N ARG A 177 11.65 9.26 2.11
CA ARG A 177 10.68 9.87 1.22
CA ARG A 177 10.70 9.83 1.17
C ARG A 177 9.38 9.11 1.43
N LEU A 178 8.23 9.84 1.40
CA LEU A 178 6.92 9.20 1.51
C LEU A 178 6.03 9.60 0.32
N ASN A 179 5.47 8.62 -0.38
CA ASN A 179 4.65 8.90 -1.53
C ASN A 179 3.41 8.04 -1.40
N ALA A 180 2.37 8.34 -2.18
CA ALA A 180 1.19 7.46 -2.23
C ALA A 180 0.85 7.18 -3.68
N ILE A 181 0.19 6.04 -3.89
CA ILE A 181 -0.32 5.67 -5.18
C ILE A 181 -1.83 5.63 -5.09
N CYS A 182 -2.49 6.19 -6.12
CA CYS A 182 -3.95 6.26 -6.19
C CYS A 182 -4.41 5.54 -7.45
N PRO A 183 -4.55 4.20 -7.45
CA PRO A 183 -5.04 3.51 -8.65
C PRO A 183 -6.53 3.72 -8.89
N GLY A 184 -6.93 3.61 -10.17
CA GLY A 184 -8.32 3.37 -10.51
C GLY A 184 -8.62 1.89 -10.25
N PHE A 185 -9.72 1.40 -10.79
CA PHE A 185 -10.13 0.01 -10.65
C PHE A 185 -9.03 -0.94 -11.10
N VAL A 186 -8.81 -1.96 -10.27
CA VAL A 186 -7.78 -2.97 -10.52
C VAL A 186 -8.40 -4.36 -10.32
N ASN A 187 -8.01 -5.32 -11.17
CA ASN A 187 -8.67 -6.61 -11.20
C ASN A 187 -8.21 -7.49 -10.04
N THR A 188 -8.89 -7.43 -8.88
CA THR A 188 -8.51 -8.16 -7.67
C THR A 188 -9.79 -8.63 -6.97
N ALA A 189 -9.62 -9.47 -5.94
CA ALA A 189 -10.72 -9.88 -5.06
C ALA A 189 -11.55 -8.69 -4.61
N ILE A 190 -10.89 -7.54 -4.36
CA ILE A 190 -11.62 -6.46 -3.73
C ILE A 190 -12.78 -6.02 -4.63
N LEU A 191 -12.60 -6.14 -5.95
CA LEU A 191 -13.68 -5.74 -6.85
C LEU A 191 -14.92 -6.58 -6.61
N GLU A 192 -14.78 -7.77 -6.02
CA GLU A 192 -15.92 -8.67 -5.91
C GLU A 192 -16.73 -8.33 -4.68
N SER A 193 -16.14 -7.52 -3.80
CA SER A 193 -16.75 -7.22 -2.51
C SER A 193 -18.00 -6.36 -2.72
N ILE A 194 -18.06 -5.61 -3.84
CA ILE A 194 -19.19 -4.72 -4.09
C ILE A 194 -20.49 -5.50 -4.33
N GLU A 195 -20.37 -6.81 -4.58
CA GLU A 195 -21.55 -7.63 -4.85
C GLU A 195 -22.16 -8.12 -3.54
N LYS A 196 -21.54 -7.80 -2.40
CA LYS A 196 -21.88 -8.54 -1.19
C LYS A 196 -22.47 -7.61 -0.15
N GLU A 197 -23.68 -7.96 0.33
CA GLU A 197 -24.37 -7.17 1.32
C GLU A 197 -23.51 -7.06 2.58
N GLU A 198 -22.79 -8.14 2.92
CA GLU A 198 -21.91 -8.18 4.09
C GLU A 198 -20.88 -7.04 4.03
N ASN A 199 -20.57 -6.58 2.80
CA ASN A 199 -19.55 -5.56 2.66
C ASN A 199 -20.19 -4.20 2.45
N MET A 200 -21.35 -4.17 1.78
CA MET A 200 -21.92 -2.93 1.26
C MET A 200 -22.92 -2.33 2.24
N GLY A 201 -23.41 -3.14 3.18
CA GLY A 201 -24.47 -2.74 4.09
C GLY A 201 -25.60 -2.01 3.37
N GLN A 202 -25.92 -0.82 3.87
CA GLN A 202 -27.02 0.00 3.38
C GLN A 202 -26.77 0.46 1.93
N TYR A 203 -25.57 0.22 1.37
CA TYR A 203 -25.29 0.69 0.02
C TYR A 203 -25.48 -0.38 -1.06
N ILE A 204 -25.73 -1.64 -0.67
CA ILE A 204 -25.85 -2.78 -1.59
C ILE A 204 -26.81 -2.49 -2.77
N GLU A 205 -27.93 -1.81 -2.51
CA GLU A 205 -28.97 -1.59 -3.49
C GLU A 205 -28.48 -0.72 -4.64
N TYR A 206 -27.35 0.00 -4.42
CA TYR A 206 -26.85 0.96 -5.38
C TYR A 206 -25.54 0.47 -6.00
N LYS A 207 -25.23 -0.82 -5.79
CA LYS A 207 -23.95 -1.36 -6.25
C LYS A 207 -23.79 -1.21 -7.77
N ASP A 208 -24.91 -1.20 -8.52
CA ASP A 208 -24.83 -1.12 -9.98
C ASP A 208 -24.21 0.19 -10.47
N HIS A 209 -24.28 1.27 -9.66
CA HIS A 209 -23.64 2.52 -10.06
C HIS A 209 -22.11 2.35 -10.14
N ILE A 210 -21.55 1.52 -9.25
CA ILE A 210 -20.12 1.24 -9.29
C ILE A 210 -19.79 0.45 -10.55
N LYS A 211 -20.59 -0.60 -10.80
CA LYS A 211 -20.46 -1.43 -12.00
C LYS A 211 -20.47 -0.58 -13.27
N ASP A 212 -21.33 0.45 -13.34
CA ASP A 212 -21.37 1.31 -14.52
C ASP A 212 -20.10 2.13 -14.66
N MET A 213 -19.52 2.56 -13.52
CA MET A 213 -18.25 3.28 -13.54
C MET A 213 -17.13 2.33 -13.99
N ILE A 214 -17.14 1.09 -13.51
CA ILE A 214 -16.19 0.08 -13.97
C ILE A 214 -16.29 -0.06 -15.49
N LYS A 215 -17.53 -0.25 -15.98
CA LYS A 215 -17.77 -0.34 -17.42
C LYS A 215 -17.26 0.92 -18.11
N TYR A 216 -17.55 2.09 -17.53
CA TYR A 216 -17.15 3.35 -18.13
C TYR A 216 -15.64 3.46 -18.29
N TYR A 217 -14.87 3.12 -17.24
CA TYR A 217 -13.43 3.39 -17.22
C TYR A 217 -12.52 2.19 -17.49
N GLY A 218 -12.99 0.98 -17.25
CA GLY A 218 -12.13 -0.18 -17.39
C GLY A 218 -11.22 -0.42 -16.18
N ILE A 219 -10.57 -1.60 -16.20
CA ILE A 219 -9.89 -2.21 -15.08
C ILE A 219 -8.43 -2.48 -15.44
N LEU A 220 -7.50 -2.09 -14.56
CA LEU A 220 -6.11 -2.43 -14.76
C LEU A 220 -5.82 -3.82 -14.20
N ASP A 221 -4.75 -4.49 -14.67
CA ASP A 221 -4.33 -5.72 -14.01
C ASP A 221 -3.24 -5.38 -13.00
N PRO A 222 -3.13 -6.09 -11.85
CA PRO A 222 -2.14 -5.72 -10.79
C PRO A 222 -0.76 -5.38 -11.38
N PRO A 223 -0.16 -6.18 -12.29
CA PRO A 223 1.20 -5.90 -12.74
C PRO A 223 1.42 -4.48 -13.28
N LEU A 224 0.38 -3.87 -13.86
CA LEU A 224 0.56 -2.51 -14.34
C LEU A 224 0.70 -1.53 -13.18
N ILE A 225 0.09 -1.83 -12.03
CA ILE A 225 0.26 -0.94 -10.89
C ILE A 225 1.71 -0.98 -10.41
N ALA A 226 2.33 -2.19 -10.45
CA ALA A 226 3.68 -2.38 -9.95
C ALA A 226 4.72 -1.52 -10.69
N ASN A 227 4.52 -1.27 -11.99
CA ASN A 227 5.41 -0.40 -12.76
C ASN A 227 5.46 0.95 -12.05
N GLY A 228 4.27 1.44 -11.68
CA GLY A 228 4.16 2.70 -10.97
C GLY A 228 4.97 2.70 -9.68
N LEU A 229 4.91 1.60 -8.92
CA LEU A 229 5.65 1.54 -7.67
C LEU A 229 7.15 1.65 -7.95
N ILE A 230 7.60 0.94 -8.99
CA ILE A 230 9.03 0.95 -9.31
C ILE A 230 9.50 2.37 -9.67
N THR A 231 8.71 3.11 -10.41
CA THR A 231 9.04 4.52 -10.72
C THR A 231 9.25 5.30 -9.43
N LEU A 232 8.31 5.23 -8.48
CA LEU A 232 8.44 5.98 -7.26
C LEU A 232 9.76 5.65 -6.60
N ILE A 233 10.08 4.36 -6.50
CA ILE A 233 11.28 3.98 -5.76
C ILE A 233 12.54 4.48 -6.48
N GLU A 234 12.52 4.46 -7.81
CA GLU A 234 13.76 4.72 -8.54
C GLU A 234 14.11 6.21 -8.56
N ASP A 235 13.10 7.08 -8.46
CA ASP A 235 13.29 8.52 -8.60
C ASP A 235 13.34 9.18 -7.23
N ASP A 236 14.55 9.53 -6.79
CA ASP A 236 14.68 10.04 -5.43
C ASP A 236 14.33 11.53 -5.34
N ALA A 237 13.88 12.16 -6.43
CA ALA A 237 13.32 13.49 -6.29
C ALA A 237 11.88 13.44 -5.74
N LEU A 238 11.34 12.24 -5.48
CA LEU A 238 9.89 12.16 -5.32
C LEU A 238 9.56 12.03 -3.85
N ASN A 239 8.91 13.08 -3.32
CA ASN A 239 8.60 13.14 -1.91
C ASN A 239 7.28 13.88 -1.75
N GLY A 240 6.28 13.19 -1.18
CA GLY A 240 4.98 13.80 -1.04
C GLY A 240 4.19 13.69 -2.34
N ALA A 241 4.68 12.90 -3.32
CA ALA A 241 4.00 12.77 -4.59
C ALA A 241 2.78 11.85 -4.45
N ILE A 242 1.69 12.22 -5.13
CA ILE A 242 0.46 11.46 -5.17
C ILE A 242 0.30 10.95 -6.60
N MET A 243 0.66 9.68 -6.82
CA MET A 243 0.70 9.11 -8.16
C MET A 243 -0.63 8.44 -8.54
N LYS A 244 -1.36 8.98 -9.55
CA LYS A 244 -2.59 8.38 -10.03
C LYS A 244 -2.29 7.37 -11.12
N ILE A 245 -3.00 6.23 -11.13
CA ILE A 245 -2.80 5.28 -12.21
C ILE A 245 -4.18 4.81 -12.70
N THR A 246 -4.52 5.22 -13.94
CA THR A 246 -5.78 4.85 -14.57
C THR A 246 -5.53 4.43 -16.03
N THR A 247 -6.49 3.68 -16.58
CA THR A 247 -6.42 3.30 -17.98
C THR A 247 -6.65 4.55 -18.83
N SER A 248 -7.51 5.44 -18.35
CA SER A 248 -7.93 6.60 -19.13
C SER A 248 -6.77 7.57 -19.32
N LYS A 249 -5.97 7.85 -18.27
CA LYS A 249 -4.97 8.90 -18.41
C LYS A 249 -3.58 8.41 -18.05
N GLY A 250 -3.45 7.13 -17.72
CA GLY A 250 -2.11 6.59 -17.52
C GLY A 250 -1.60 6.86 -16.11
N ILE A 251 -0.29 7.08 -16.01
CA ILE A 251 0.42 7.37 -14.78
C ILE A 251 0.70 8.88 -14.76
N HIS A 252 0.11 9.57 -13.76
CA HIS A 252 0.14 11.02 -13.68
CA HIS A 252 0.20 11.02 -13.67
C HIS A 252 0.12 11.40 -12.19
N PHE A 253 0.81 12.48 -11.82
CA PHE A 253 0.77 12.93 -10.43
C PHE A 253 -0.37 13.93 -10.24
N GLN A 254 -0.98 13.95 -9.05
CA GLN A 254 -2.01 14.92 -8.71
C GLN A 254 -1.32 16.28 -8.60
N ASP A 255 -1.94 17.31 -9.23
CA ASP A 255 -1.50 18.69 -9.12
C ASP A 255 -2.28 19.37 -8.00
N TYR A 256 -1.64 20.26 -7.24
CA TYR A 256 -2.36 20.94 -6.18
C TYR A 256 -2.03 22.43 -6.23
N ASP A 257 -2.98 23.30 -5.81
CA ASP A 257 -2.74 24.74 -5.72
C ASP A 257 -2.40 25.14 -4.29
N THR A 258 -1.15 24.92 -3.91
CA THR A 258 -0.66 25.16 -2.56
C THR A 258 -0.26 26.63 -2.44
N THR A 259 -0.02 27.08 -1.20
CA THR A 259 0.32 28.50 -1.03
C THR A 259 1.81 28.65 -0.72
#